data_4BFV
#
_entry.id   4BFV
#
_cell.length_a   88.330
_cell.length_b   151.770
_cell.length_c   63.130
_cell.angle_alpha   90.00
_cell.angle_beta   90.00
_cell.angle_gamma   90.00
#
_symmetry.space_group_name_H-M   'P 21 21 2'
#
loop_
_entity.id
_entity.type
_entity.pdbx_description
1 polymer 'PANTOTHENATE KINASE'
2 non-polymer 'PHOSPHATE ION'
3 non-polymer N-[1-(4-methyl-5-{[2-(2-methylphenoxy)ethyl]sulfanyl}-4H-1,2,4-triazol-3-yl)ethyl]-2-(trifluoromethyl)benzamide
4 water water
#
_entity_poly.entity_id   1
_entity_poly.type   'polypeptide(L)'
_entity_poly.pdbx_seq_one_letter_code
;HHHHHHMSRLSEPSPYVEFDRRQWRALRMSTPLALTEEELVGLRGLGEQIDLLEVEEVYLPLARLIHLQVAARQRLFAAT
AEFLGEPQQNPDRPVPFIIGVAGSVAVGKSTTARVLQALLARWDHHPRVDLVTTDGFLYPNAELQRRNLMHRKGFPESYN
RRALMRFVTSVKSGSDYACAPVYSHLHYDIIPGAEQVVRHPDILILEGLNVLQTGPTLMVSDLFDFSLYVDARIEDIEQW
YVSRFLAMRTTAFADPESHFHHYAAFSDSQAVVAAREIWRTINRPNLVENILPTRPRATLVLRKDADHSINRLRLRKL
;
_entity_poly.pdbx_strand_id   A,B
#
# COMPACT_ATOMS: atom_id res chain seq x y z
N PRO A 13 18.20 11.45 1.94
CA PRO A 13 18.29 10.35 2.90
C PRO A 13 17.38 9.14 2.57
N SER A 14 16.39 8.94 3.45
CA SER A 14 15.58 7.72 3.53
C SER A 14 14.13 8.10 3.86
N PRO A 15 13.14 7.23 3.51
CA PRO A 15 11.73 7.49 3.82
C PRO A 15 11.31 7.30 5.29
N TYR A 16 12.28 6.97 6.14
CA TYR A 16 12.05 6.72 7.57
C TYR A 16 12.65 7.78 8.51
N VAL A 17 11.95 8.08 9.60
CA VAL A 17 12.56 8.73 10.76
C VAL A 17 13.18 7.64 11.65
N GLU A 18 14.47 7.75 11.92
CA GLU A 18 15.17 6.79 12.77
C GLU A 18 15.47 7.35 14.15
N PHE A 19 15.00 6.62 15.17
CA PHE A 19 15.39 6.81 16.55
C PHE A 19 16.09 5.54 17.04
N ASP A 20 17.27 5.67 17.64
CA ASP A 20 17.79 4.57 18.42
C ASP A 20 17.07 4.58 19.77
N ARG A 21 17.39 3.62 20.65
CA ARG A 21 16.71 3.50 21.95
C ARG A 21 16.96 4.70 22.88
N ARG A 22 18.20 5.19 22.96
CA ARG A 22 18.53 6.38 23.77
C ARG A 22 17.74 7.58 23.23
N GLN A 23 17.98 7.92 21.95
CA GLN A 23 17.29 9.02 21.27
C GLN A 23 15.79 9.02 21.56
N TRP A 24 15.19 7.84 21.51
CA TRP A 24 13.76 7.70 21.71
C TRP A 24 13.39 7.95 23.16
N ARG A 25 14.21 7.46 24.09
CA ARG A 25 13.91 7.68 25.51
C ARG A 25 14.07 9.17 25.89
N ALA A 26 15.06 9.81 25.27
CA ALA A 26 15.31 11.23 25.41
C ALA A 26 14.08 12.14 25.10
N LEU A 27 13.13 11.61 24.33
CA LEU A 27 12.06 12.42 23.75
C LEU A 27 11.15 13.14 24.75
N ARG A 28 11.12 14.46 24.62
CA ARG A 28 10.25 15.32 25.41
C ARG A 28 8.88 15.32 24.74
N MET A 29 8.02 14.43 25.22
CA MET A 29 6.72 14.20 24.61
C MET A 29 5.65 15.08 25.24
N SER A 30 4.55 15.28 24.49
CA SER A 30 3.58 16.35 24.79
C SER A 30 2.50 16.00 25.82
N THR A 31 2.44 14.73 26.22
CA THR A 31 1.55 14.31 27.32
C THR A 31 2.20 13.26 28.22
N PRO A 32 2.03 13.40 29.55
CA PRO A 32 2.18 12.20 30.38
C PRO A 32 0.98 11.26 30.11
N LEU A 33 1.27 10.01 29.80
CA LEU A 33 0.22 9.03 29.48
C LEU A 33 -0.14 8.11 30.67
N ALA A 34 0.89 7.72 31.42
CA ALA A 34 0.81 6.92 32.66
C ALA A 34 -0.16 5.74 32.64
N LEU A 35 0.42 4.54 32.63
CA LEU A 35 -0.38 3.33 32.73
C LEU A 35 -0.96 3.23 34.14
N THR A 36 -2.19 2.71 34.28
CA THR A 36 -2.81 2.56 35.61
C THR A 36 -2.05 1.49 36.43
N GLU A 37 -2.71 0.40 36.84
CA GLU A 37 -2.03 -0.57 37.72
C GLU A 37 -2.38 -2.07 37.89
N GLU A 38 -3.59 -2.60 37.63
CA GLU A 38 -4.77 -2.07 36.92
C GLU A 38 -4.66 -2.26 35.40
N GLU A 39 -3.80 -1.50 34.73
CA GLU A 39 -3.43 -1.79 33.35
C GLU A 39 -2.12 -2.57 33.36
N LEU A 40 -1.21 -2.16 34.25
CA LEU A 40 0.07 -2.85 34.43
C LEU A 40 -0.14 -4.31 34.81
N VAL A 41 -1.18 -4.57 35.59
CA VAL A 41 -1.55 -5.94 35.95
C VAL A 41 -2.07 -6.71 34.74
N GLY A 42 -3.01 -6.11 33.99
CA GLY A 42 -3.53 -6.72 32.77
C GLY A 42 -2.43 -7.04 31.77
N LEU A 43 -1.43 -6.17 31.70
CA LEU A 43 -0.27 -6.35 30.84
C LEU A 43 0.66 -7.48 31.32
N ARG A 44 0.79 -7.62 32.64
CA ARG A 44 1.41 -8.82 33.23
C ARG A 44 0.61 -10.10 32.94
N GLY A 45 -0.70 -9.95 32.78
CA GLY A 45 -1.61 -11.08 32.49
C GLY A 45 -1.16 -11.97 31.33
N LEU A 46 -0.77 -11.34 30.22
CA LEU A 46 -0.25 -12.04 29.04
C LEU A 46 1.27 -12.13 29.12
N GLY A 47 1.78 -11.94 30.35
CA GLY A 47 3.21 -11.67 30.62
C GLY A 47 4.17 -12.83 30.52
N GLU A 48 4.53 -13.16 29.28
CA GLU A 48 5.63 -14.08 28.97
C GLU A 48 6.94 -13.40 29.41
N GLN A 49 7.02 -13.09 30.70
CA GLN A 49 8.01 -12.15 31.25
C GLN A 49 8.13 -10.88 30.36
N ILE A 50 7.00 -10.21 30.18
CA ILE A 50 6.90 -8.95 29.45
C ILE A 50 7.60 -7.86 30.25
N ASP A 51 8.49 -7.12 29.61
CA ASP A 51 9.17 -6.00 30.27
C ASP A 51 8.23 -4.78 30.41
N LEU A 52 7.67 -4.60 31.59
CA LEU A 52 6.71 -3.51 31.81
C LEU A 52 7.29 -2.12 31.64
N LEU A 53 8.58 -1.95 31.87
CA LEU A 53 9.17 -0.63 31.66
C LEU A 53 9.19 -0.34 30.18
N GLU A 54 9.40 -1.39 29.38
CA GLU A 54 9.55 -1.19 27.95
C GLU A 54 8.19 -0.97 27.32
N VAL A 55 7.18 -1.62 27.88
CA VAL A 55 5.82 -1.40 27.46
C VAL A 55 5.51 0.08 27.68
N GLU A 56 5.94 0.60 28.82
CA GLU A 56 5.59 1.96 29.19
C GLU A 56 6.39 3.01 28.47
N GLU A 57 7.67 2.74 28.27
CA GLU A 57 8.59 3.69 27.65
C GLU A 57 8.69 3.59 26.11
N VAL A 58 8.45 2.40 25.56
CA VAL A 58 8.50 2.20 24.11
C VAL A 58 7.11 1.99 23.51
N TYR A 59 6.38 0.98 23.95
CA TYR A 59 5.11 0.63 23.30
C TYR A 59 4.00 1.65 23.49
N LEU A 60 3.86 2.19 24.70
CA LEU A 60 2.78 3.15 24.96
C LEU A 60 2.87 4.41 24.07
N PRO A 61 4.05 5.05 24.01
CA PRO A 61 4.24 6.17 23.06
C PRO A 61 3.94 5.73 21.63
N LEU A 62 4.29 4.48 21.34
CA LEU A 62 4.06 3.88 20.07
C LEU A 62 2.58 3.84 19.79
N ALA A 63 1.81 3.33 20.75
CA ALA A 63 0.39 3.17 20.52
C ALA A 63 -0.30 4.52 20.40
N ARG A 64 0.24 5.54 21.07
CA ARG A 64 -0.29 6.91 21.01
C ARG A 64 -0.15 7.51 19.58
N LEU A 65 1.00 7.25 18.99
CA LEU A 65 1.31 7.58 17.62
C LEU A 65 0.36 6.87 16.64
N ILE A 66 0.06 5.61 16.90
CA ILE A 66 -0.93 4.91 16.07
C ILE A 66 -2.34 5.47 16.28
N HIS A 67 -2.66 5.73 17.55
CA HIS A 67 -3.91 6.40 17.92
C HIS A 67 -4.14 7.65 17.06
N LEU A 68 -3.13 8.51 16.97
CA LEU A 68 -3.25 9.73 16.20
C LEU A 68 -3.66 9.46 14.73
N GLN A 69 -3.11 8.39 14.15
CA GLN A 69 -3.47 8.00 12.80
C GLN A 69 -4.89 7.42 12.72
N VAL A 70 -5.29 6.63 13.72
CA VAL A 70 -6.67 6.11 13.76
C VAL A 70 -7.67 7.26 13.88
N ALA A 71 -7.39 8.21 14.76
CA ALA A 71 -8.30 9.33 15.01
C ALA A 71 -8.38 10.23 13.77
N ALA A 72 -7.24 10.66 13.24
CA ALA A 72 -7.19 11.35 11.95
C ALA A 72 -8.05 10.66 10.90
N ARG A 73 -7.95 9.35 10.81
CA ARG A 73 -8.72 8.62 9.83
C ARG A 73 -10.22 8.66 10.15
N GLN A 74 -10.55 8.65 11.43
CA GLN A 74 -11.95 8.81 11.85
C GLN A 74 -12.56 10.15 11.42
N ARG A 75 -11.86 11.24 11.68
CA ARG A 75 -12.26 12.54 11.18
C ARG A 75 -12.32 12.66 9.63
N LEU A 76 -11.37 12.06 8.92
CA LEU A 76 -11.43 12.07 7.47
C LEU A 76 -12.69 11.35 6.99
N PHE A 77 -13.05 10.23 7.60
CA PHE A 77 -14.30 9.61 7.23
C PHE A 77 -15.45 10.62 7.36
N ALA A 78 -15.42 11.40 8.44
CA ALA A 78 -16.53 12.29 8.80
C ALA A 78 -16.61 13.47 7.83
N ALA A 79 -15.45 14.10 7.59
CA ALA A 79 -15.35 15.20 6.66
C ALA A 79 -15.75 14.78 5.24
N THR A 80 -15.33 13.58 4.81
CA THR A 80 -15.68 13.08 3.49
C THR A 80 -17.19 12.88 3.35
N ALA A 81 -17.81 12.17 4.29
CA ALA A 81 -19.27 11.94 4.25
C ALA A 81 -20.08 13.25 4.29
N GLU A 82 -19.57 14.23 5.04
CA GLU A 82 -20.18 15.54 5.09
C GLU A 82 -20.14 16.19 3.70
N PHE A 83 -18.96 16.15 3.06
CA PHE A 83 -18.84 16.67 1.70
C PHE A 83 -19.82 15.99 0.77
N LEU A 84 -19.89 14.67 0.81
CA LEU A 84 -20.77 13.93 -0.10
C LEU A 84 -22.25 14.09 0.22
N GLY A 85 -22.56 14.73 1.35
CA GLY A 85 -23.93 14.88 1.85
C GLY A 85 -24.52 13.54 2.25
N GLU A 86 -23.69 12.72 2.88
CA GLU A 86 -24.10 11.43 3.45
C GLU A 86 -25.00 10.51 2.59
N PRO A 87 -24.58 10.22 1.34
CA PRO A 87 -25.30 9.29 0.45
C PRO A 87 -25.58 7.93 1.09
N GLN A 88 -26.61 7.27 0.59
CA GLN A 88 -27.04 5.99 1.15
C GLN A 88 -26.03 4.87 0.94
N GLN A 89 -25.20 4.98 -0.10
CA GLN A 89 -24.22 3.93 -0.42
C GLN A 89 -22.96 4.05 0.45
N ASN A 90 -22.79 5.20 1.08
CA ASN A 90 -21.71 5.40 2.04
C ASN A 90 -22.02 4.74 3.39
N PRO A 91 -21.03 4.04 3.97
CA PRO A 91 -21.23 3.50 5.33
C PRO A 91 -21.47 4.60 6.37
N ASP A 92 -22.23 4.27 7.40
CA ASP A 92 -22.57 5.23 8.47
C ASP A 92 -21.43 5.50 9.45
N ARG A 93 -20.40 4.66 9.39
CA ARG A 93 -19.23 4.77 10.26
C ARG A 93 -17.94 4.34 9.54
N PRO A 94 -16.81 4.91 9.98
CA PRO A 94 -15.54 4.44 9.45
C PRO A 94 -15.41 2.92 9.53
N VAL A 95 -14.88 2.31 8.49
CA VAL A 95 -14.61 0.87 8.52
C VAL A 95 -13.46 0.60 9.52
N PRO A 96 -13.27 -0.66 9.94
CA PRO A 96 -12.21 -0.86 10.91
C PRO A 96 -10.89 -0.37 10.35
N PHE A 97 -10.02 0.15 11.22
CA PHE A 97 -8.63 0.54 10.90
C PHE A 97 -7.77 -0.75 11.05
N ILE A 98 -7.08 -1.18 9.99
CA ILE A 98 -6.37 -2.47 10.01
C ILE A 98 -4.86 -2.32 10.17
N ILE A 99 -4.29 -2.94 11.20
CA ILE A 99 -2.87 -2.90 11.48
C ILE A 99 -2.25 -4.28 11.23
N GLY A 100 -1.31 -4.37 10.30
CA GLY A 100 -0.58 -5.62 10.12
C GLY A 100 0.67 -5.69 11.01
N VAL A 101 0.98 -6.90 11.47
CA VAL A 101 2.20 -7.14 12.25
C VAL A 101 2.93 -8.35 11.69
N ALA A 102 4.13 -8.10 11.17
CA ALA A 102 4.93 -9.09 10.49
C ALA A 102 6.25 -9.28 11.21
N GLY A 103 6.94 -10.40 10.92
CA GLY A 103 8.25 -10.70 11.45
C GLY A 103 8.46 -12.19 11.37
N SER A 104 9.68 -12.63 11.65
CA SER A 104 10.04 -14.05 11.73
C SER A 104 9.24 -14.82 12.77
N VAL A 105 9.15 -16.14 12.59
CA VAL A 105 8.79 -17.02 13.71
C VAL A 105 9.79 -16.75 14.85
N ALA A 106 9.30 -16.63 16.07
CA ALA A 106 10.14 -16.46 17.28
C ALA A 106 10.73 -15.06 17.47
N VAL A 107 10.37 -14.12 16.62
CA VAL A 107 10.82 -12.75 16.84
C VAL A 107 9.96 -12.04 17.90
N GLY A 108 8.80 -12.62 18.24
CA GLY A 108 7.93 -12.02 19.24
C GLY A 108 6.81 -11.14 18.70
N LYS A 109 6.51 -11.27 17.40
CA LYS A 109 5.33 -10.64 16.75
C LYS A 109 4.12 -10.68 17.63
N SER A 110 3.88 -11.83 18.20
CA SER A 110 2.62 -12.17 18.82
C SER A 110 2.43 -11.38 20.12
N THR A 111 3.50 -11.32 20.91
CA THR A 111 3.53 -10.53 22.13
C THR A 111 3.40 -9.06 21.77
N THR A 112 4.20 -8.61 20.80
CA THR A 112 4.05 -7.27 20.31
C THR A 112 2.59 -6.97 19.96
N ALA A 113 1.95 -7.85 19.18
CA ALA A 113 0.55 -7.60 18.78
C ALA A 113 -0.39 -7.55 19.97
N ARG A 114 -0.17 -8.43 20.94
CA ARG A 114 -1.03 -8.48 22.11
C ARG A 114 -0.90 -7.27 22.98
N VAL A 115 0.32 -6.77 23.12
CA VAL A 115 0.54 -5.51 23.84
C VAL A 115 -0.25 -4.39 23.15
N LEU A 116 -0.04 -4.22 21.85
CA LEU A 116 -0.66 -3.10 21.15
C LEU A 116 -2.16 -3.17 21.25
N GLN A 117 -2.71 -4.37 21.22
CA GLN A 117 -4.15 -4.56 21.33
C GLN A 117 -4.68 -4.00 22.64
N ALA A 118 -3.98 -4.30 23.74
CA ALA A 118 -4.34 -3.81 25.04
C ALA A 118 -4.10 -2.31 25.18
N LEU A 119 -2.93 -1.84 24.73
CA LEU A 119 -2.66 -0.41 24.82
C LEU A 119 -3.61 0.44 23.97
N LEU A 120 -3.88 0.04 22.72
CA LEU A 120 -4.78 0.83 21.85
C LEU A 120 -6.22 0.88 22.36
N ALA A 121 -6.65 -0.17 23.05
CA ALA A 121 -8.04 -0.25 23.49
C ALA A 121 -8.40 0.76 24.60
N ARG A 122 -7.40 1.39 25.22
CA ARG A 122 -7.68 2.35 26.28
C ARG A 122 -8.14 3.75 25.85
N TRP A 123 -8.13 4.01 24.54
CA TRP A 123 -8.75 5.21 24.01
C TRP A 123 -10.24 4.97 23.72
N ASP A 124 -11.06 5.96 24.07
CA ASP A 124 -12.50 5.96 23.79
C ASP A 124 -12.82 6.11 22.31
N HIS A 125 -11.89 6.67 21.54
CA HIS A 125 -12.04 6.77 20.08
C HIS A 125 -12.15 5.36 19.45
N HIS A 126 -11.52 4.37 20.07
CA HIS A 126 -11.46 3.02 19.50
C HIS A 126 -11.23 1.95 20.58
N PRO A 127 -12.22 1.76 21.49
CA PRO A 127 -12.10 0.77 22.58
C PRO A 127 -12.13 -0.65 22.09
N ARG A 128 -12.69 -0.85 20.91
CA ARG A 128 -12.87 -2.20 20.39
C ARG A 128 -11.76 -2.56 19.41
N VAL A 129 -10.78 -3.29 19.93
CA VAL A 129 -9.60 -3.71 19.19
C VAL A 129 -9.52 -5.25 19.12
N ASP A 130 -9.55 -5.79 17.91
CA ASP A 130 -9.39 -7.22 17.71
C ASP A 130 -8.01 -7.65 17.21
N LEU A 131 -7.76 -8.95 17.33
CA LEU A 131 -6.48 -9.50 17.00
C LEU A 131 -6.74 -10.84 16.36
N VAL A 132 -6.29 -10.95 15.11
CA VAL A 132 -6.44 -12.20 14.37
C VAL A 132 -5.04 -12.61 13.90
N THR A 133 -4.73 -13.91 13.96
CA THR A 133 -3.48 -14.40 13.39
C THR A 133 -3.77 -15.14 12.11
N THR A 134 -2.88 -14.97 11.13
CA THR A 134 -3.02 -15.67 9.87
C THR A 134 -2.71 -17.16 10.00
N ASP A 135 -2.20 -17.60 11.14
CA ASP A 135 -2.06 -19.02 11.44
C ASP A 135 -3.36 -19.76 11.12
N GLY A 136 -4.50 -19.13 11.42
CA GLY A 136 -5.80 -19.74 11.15
C GLY A 136 -6.04 -19.92 9.66
N PHE A 137 -5.20 -19.33 8.81
CA PHE A 137 -5.44 -19.43 7.39
C PHE A 137 -4.53 -20.41 6.69
N LEU A 138 -3.60 -21.01 7.42
CA LEU A 138 -2.84 -22.20 6.97
C LEU A 138 -3.82 -23.29 6.49
N TYR A 139 -3.47 -24.04 5.45
CA TYR A 139 -4.29 -25.18 5.10
C TYR A 139 -4.17 -26.22 6.18
N PRO A 140 -5.29 -26.88 6.54
CA PRO A 140 -5.15 -28.04 7.42
C PRO A 140 -4.00 -28.97 6.99
N ASN A 141 -3.38 -29.68 7.93
CA ASN A 141 -2.36 -30.66 7.60
C ASN A 141 -2.79 -31.66 6.52
N ALA A 142 -4.00 -32.18 6.65
CA ALA A 142 -4.55 -33.11 5.67
C ALA A 142 -4.51 -32.58 4.24
N GLU A 143 -4.98 -31.34 4.06
CA GLU A 143 -4.99 -30.70 2.75
C GLU A 143 -3.57 -30.38 2.27
N LEU A 144 -2.74 -29.92 3.20
CA LEU A 144 -1.35 -29.59 2.94
C LEU A 144 -0.60 -30.83 2.41
N GLN A 145 -0.92 -31.99 2.97
CA GLN A 145 -0.34 -33.28 2.55
C GLN A 145 -0.83 -33.69 1.17
N ARG A 146 -2.12 -33.50 0.93
CA ARG A 146 -2.67 -33.77 -0.39
C ARG A 146 -1.96 -32.95 -1.47
N ARG A 147 -1.42 -31.78 -1.10
CA ARG A 147 -0.77 -30.88 -2.05
C ARG A 147 0.76 -31.03 -2.07
N ASN A 148 1.28 -32.01 -1.34
CA ASN A 148 2.72 -32.21 -1.13
C ASN A 148 3.42 -30.94 -0.64
N LEU A 149 2.82 -30.32 0.36
CA LEU A 149 3.27 -29.03 0.88
C LEU A 149 3.66 -29.01 2.37
N MET A 150 3.54 -30.14 3.08
CA MET A 150 3.91 -30.21 4.52
C MET A 150 5.30 -29.66 4.87
N HIS A 151 6.34 -29.97 4.08
CA HIS A 151 7.69 -29.45 4.34
C HIS A 151 7.75 -27.92 4.14
N ARG A 152 6.63 -27.36 3.68
CA ARG A 152 6.55 -25.96 3.31
C ARG A 152 5.54 -25.20 4.19
N LYS A 153 5.19 -25.77 5.32
CA LYS A 153 4.25 -25.14 6.18
C LYS A 153 4.89 -23.85 6.72
N GLY A 154 4.13 -22.75 6.60
CA GLY A 154 4.60 -21.44 6.98
C GLY A 154 5.08 -20.65 5.77
N PHE A 155 5.42 -21.34 4.68
CA PHE A 155 5.77 -20.67 3.42
C PHE A 155 4.50 -20.10 2.74
N PRO A 156 4.65 -19.12 1.81
CA PRO A 156 3.48 -18.43 1.26
C PRO A 156 2.34 -19.34 0.74
N GLU A 157 2.67 -20.36 -0.03
CA GLU A 157 1.65 -21.21 -0.63
C GLU A 157 1.03 -22.19 0.38
N SER A 158 1.44 -22.10 1.64
CA SER A 158 0.87 -23.03 2.62
C SER A 158 -0.36 -22.42 3.28
N TYR A 159 -0.64 -21.16 2.91
CA TYR A 159 -1.81 -20.42 3.38
C TYR A 159 -2.90 -20.43 2.33
N ASN A 160 -4.14 -20.46 2.80
CA ASN A 160 -5.27 -20.26 1.92
C ASN A 160 -5.39 -18.78 1.65
N ARG A 161 -4.63 -18.30 0.67
CA ARG A 161 -4.56 -16.87 0.38
C ARG A 161 -5.89 -16.29 -0.06
N ARG A 162 -6.58 -17.03 -0.92
CA ARG A 162 -7.94 -16.67 -1.34
C ARG A 162 -8.82 -16.43 -0.08
N ALA A 163 -8.84 -17.39 0.85
CA ALA A 163 -9.69 -17.22 2.04
C ALA A 163 -9.21 -16.07 2.94
N LEU A 164 -7.90 -15.97 3.14
CA LEU A 164 -7.34 -14.85 3.92
C LEU A 164 -7.73 -13.52 3.28
N MET A 165 -7.67 -13.45 1.95
CA MET A 165 -8.04 -12.22 1.26
C MET A 165 -9.54 -11.92 1.39
N ARG A 166 -10.39 -12.92 1.22
CA ARG A 166 -11.84 -12.77 1.46
C ARG A 166 -12.14 -12.22 2.86
N PHE A 167 -11.40 -12.73 3.85
CA PHE A 167 -11.61 -12.35 5.22
C PHE A 167 -11.31 -10.87 5.43
N VAL A 168 -10.13 -10.43 5.00
CA VAL A 168 -9.72 -9.07 5.28
C VAL A 168 -10.57 -8.10 4.47
N THR A 169 -10.89 -8.50 3.22
CA THR A 169 -11.76 -7.72 2.33
C THR A 169 -13.06 -7.46 3.06
N SER A 170 -13.60 -8.54 3.62
CA SER A 170 -14.89 -8.46 4.30
C SER A 170 -14.83 -7.47 5.48
N VAL A 171 -13.80 -7.59 6.31
CA VAL A 171 -13.60 -6.62 7.40
C VAL A 171 -13.40 -5.18 6.90
N LYS A 172 -12.57 -4.98 5.87
CA LYS A 172 -12.44 -3.65 5.29
C LYS A 172 -13.70 -3.08 4.64
N SER A 173 -14.61 -3.94 4.22
CA SER A 173 -15.92 -3.54 3.64
C SER A 173 -16.88 -2.97 4.69
N GLY A 174 -16.48 -3.05 5.95
CA GLY A 174 -17.35 -2.75 7.07
C GLY A 174 -18.52 -3.70 7.22
N SER A 175 -18.37 -4.94 6.80
CA SER A 175 -19.34 -5.97 7.08
C SER A 175 -19.30 -6.20 8.60
N ASP A 176 -20.45 -6.37 9.25
CA ASP A 176 -20.44 -6.51 10.72
C ASP A 176 -20.28 -7.94 11.23
N TYR A 177 -19.89 -8.85 10.33
CA TYR A 177 -19.66 -10.24 10.69
C TYR A 177 -18.63 -10.88 9.77
N ALA A 178 -17.48 -11.28 10.31
CA ALA A 178 -16.45 -12.00 9.53
C ALA A 178 -15.71 -13.06 10.33
N CYS A 179 -15.67 -14.27 9.79
CA CYS A 179 -15.11 -15.42 10.47
C CYS A 179 -13.73 -15.75 9.96
N ALA A 180 -12.82 -16.02 10.89
CA ALA A 180 -11.54 -16.63 10.57
C ALA A 180 -11.51 -18.03 11.20
N PRO A 181 -10.84 -18.99 10.55
CA PRO A 181 -10.55 -20.27 11.22
C PRO A 181 -9.50 -20.12 12.33
N VAL A 182 -9.29 -21.17 13.10
CA VAL A 182 -8.38 -21.10 14.24
C VAL A 182 -7.40 -22.23 14.12
N TYR A 183 -6.16 -21.95 14.49
CA TYR A 183 -5.11 -22.91 14.41
C TYR A 183 -4.58 -23.22 15.81
N SER A 184 -4.41 -24.50 16.09
CA SER A 184 -3.88 -24.94 17.37
C SER A 184 -2.40 -25.24 17.22
N HIS A 185 -1.57 -24.54 17.99
CA HIS A 185 -0.15 -24.86 18.00
C HIS A 185 0.08 -26.24 18.63
N LEU A 186 -0.72 -26.54 19.66
CA LEU A 186 -0.66 -27.78 20.40
C LEU A 186 -0.80 -28.98 19.47
N HIS A 187 -1.87 -29.01 18.71
CA HIS A 187 -2.09 -30.07 17.74
C HIS A 187 -1.33 -29.86 16.42
N TYR A 188 -0.66 -28.71 16.24
CA TYR A 188 0.00 -28.39 14.95
C TYR A 188 -1.01 -28.43 13.79
N ASP A 189 -2.21 -27.90 13.99
CA ASP A 189 -3.23 -28.05 12.96
C ASP A 189 -4.41 -27.12 13.16
N ILE A 190 -5.24 -27.04 12.12
CA ILE A 190 -6.48 -26.29 12.16
C ILE A 190 -7.49 -27.13 12.93
N ILE A 191 -8.14 -26.49 13.89
CA ILE A 191 -9.20 -27.10 14.68
C ILE A 191 -10.50 -27.12 13.88
N PRO A 192 -11.00 -28.32 13.54
CA PRO A 192 -12.23 -28.35 12.73
C PRO A 192 -13.40 -27.69 13.45
N GLY A 193 -14.13 -26.85 12.74
CA GLY A 193 -15.30 -26.20 13.28
C GLY A 193 -15.01 -24.96 14.12
N ALA A 194 -13.76 -24.75 14.51
CA ALA A 194 -13.46 -23.58 15.32
C ALA A 194 -13.47 -22.35 14.43
N GLU A 195 -14.04 -21.27 14.92
CA GLU A 195 -14.00 -20.01 14.21
C GLU A 195 -13.83 -18.88 15.21
N GLN A 196 -13.17 -17.82 14.78
CA GLN A 196 -13.18 -16.57 15.51
C GLN A 196 -14.06 -15.62 14.71
N VAL A 197 -14.96 -14.94 15.41
CA VAL A 197 -15.86 -13.97 14.81
C VAL A 197 -15.34 -12.57 15.12
N VAL A 198 -15.40 -11.72 14.10
CA VAL A 198 -14.99 -10.33 14.19
C VAL A 198 -16.19 -9.46 13.79
N ARG A 199 -16.56 -8.52 14.67
CA ARG A 199 -17.75 -7.69 14.45
C ARG A 199 -17.35 -6.24 14.33
N HIS A 200 -17.02 -5.84 13.10
CA HIS A 200 -16.66 -4.47 12.83
C HIS A 200 -15.97 -3.76 14.02
N PRO A 201 -14.76 -4.21 14.39
CA PRO A 201 -14.07 -3.52 15.48
C PRO A 201 -13.60 -2.18 15.02
N ASP A 202 -13.17 -1.34 15.93
CA ASP A 202 -12.60 -0.09 15.50
C ASP A 202 -11.23 -0.36 14.92
N ILE A 203 -10.52 -1.32 15.50
CA ILE A 203 -9.21 -1.71 15.04
C ILE A 203 -9.16 -3.22 14.89
N LEU A 204 -8.72 -3.66 13.73
CA LEU A 204 -8.29 -5.06 13.58
C LEU A 204 -6.76 -5.13 13.47
N ILE A 205 -6.11 -5.91 14.32
CA ILE A 205 -4.69 -6.19 14.17
C ILE A 205 -4.56 -7.56 13.54
N LEU A 206 -3.87 -7.64 12.41
CA LEU A 206 -3.67 -8.91 11.71
C LEU A 206 -2.20 -9.26 11.81
N GLU A 207 -1.90 -10.29 12.60
CA GLU A 207 -0.54 -10.68 12.94
C GLU A 207 -0.18 -11.95 12.15
N GLY A 208 1.01 -11.99 11.56
CA GLY A 208 1.43 -13.20 10.86
C GLY A 208 2.69 -13.02 10.06
N LEU A 209 3.37 -14.14 9.78
CA LEU A 209 4.61 -14.20 9.00
C LEU A 209 4.44 -13.49 7.68
N ASN A 210 3.25 -13.63 7.11
CA ASN A 210 2.99 -13.36 5.71
C ASN A 210 2.14 -12.12 5.39
N VAL A 211 1.86 -11.27 6.38
CA VAL A 211 0.90 -10.15 6.16
C VAL A 211 1.41 -9.03 5.21
N LEU A 212 2.71 -8.90 5.06
CA LEU A 212 3.25 -7.88 4.19
C LEU A 212 3.78 -8.47 2.90
N GLN A 213 3.49 -9.76 2.68
CA GLN A 213 3.93 -10.38 1.46
C GLN A 213 3.11 -9.88 0.25
N THR A 214 3.75 -9.98 -0.89
CA THR A 214 3.33 -9.37 -2.10
C THR A 214 2.82 -10.42 -3.08
N GLY A 215 1.84 -10.02 -3.89
CA GLY A 215 1.27 -10.90 -4.90
C GLY A 215 0.89 -10.12 -6.15
N PRO A 216 0.34 -10.79 -7.16
CA PRO A 216 0.19 -10.24 -8.49
C PRO A 216 -0.84 -9.12 -8.59
N THR A 217 -1.87 -9.17 -7.76
CA THR A 217 -2.95 -8.19 -7.88
C THR A 217 -3.22 -7.53 -6.50
N LEU A 218 -4.47 -7.15 -6.21
CA LEU A 218 -4.85 -6.74 -4.83
C LEU A 218 -4.40 -7.83 -3.85
N MET A 219 -3.72 -7.42 -2.77
CA MET A 219 -3.09 -8.30 -1.76
C MET A 219 -3.55 -7.81 -0.37
N VAL A 220 -3.50 -8.66 0.67
CA VAL A 220 -4.09 -8.24 1.93
C VAL A 220 -3.50 -6.92 2.43
N SER A 221 -2.20 -6.69 2.26
CA SER A 221 -1.62 -5.43 2.73
C SER A 221 -2.15 -4.13 2.06
N ASP A 222 -2.85 -4.28 0.94
CA ASP A 222 -3.56 -3.16 0.32
C ASP A 222 -4.72 -2.65 1.16
N LEU A 223 -5.14 -3.48 2.12
CA LEU A 223 -6.20 -3.12 3.01
C LEU A 223 -5.73 -2.64 4.37
N PHE A 224 -4.43 -2.50 4.55
CA PHE A 224 -3.84 -2.02 5.82
C PHE A 224 -3.79 -0.51 5.89
N ASP A 225 -3.93 0.05 7.09
CA ASP A 225 -3.78 1.50 7.26
C ASP A 225 -2.48 1.80 7.99
N PHE A 226 -1.98 0.78 8.70
CA PHE A 226 -0.69 0.85 9.39
C PHE A 226 -0.17 -0.56 9.35
N SER A 227 1.16 -0.74 9.44
CA SER A 227 1.72 -2.07 9.62
C SER A 227 3.03 -1.99 10.35
N LEU A 228 3.35 -3.00 11.16
CA LEU A 228 4.71 -3.09 11.72
C LEU A 228 5.43 -4.37 11.43
N TYR A 229 6.73 -4.23 11.34
CA TYR A 229 7.64 -5.37 11.18
C TYR A 229 8.49 -5.40 12.45
N VAL A 230 8.49 -6.51 13.16
CA VAL A 230 9.37 -6.73 14.31
C VAL A 230 10.64 -7.43 13.85
N ASP A 231 11.76 -6.71 13.98
CA ASP A 231 13.03 -7.10 13.40
C ASP A 231 14.04 -7.48 14.49
N ALA A 232 15.06 -8.25 14.11
CA ALA A 232 16.21 -8.53 14.95
C ALA A 232 17.24 -9.22 14.07
N ARG A 233 18.49 -9.30 14.55
CA ARG A 233 19.54 -10.04 13.84
C ARG A 233 19.16 -11.50 13.68
N ILE A 234 19.47 -12.08 12.53
CA ILE A 234 19.08 -13.47 12.25
C ILE A 234 19.67 -14.46 13.30
N GLU A 235 20.87 -14.16 13.78
CA GLU A 235 21.52 -14.95 14.83
C GLU A 235 20.74 -14.91 16.12
N ASP A 236 20.13 -13.77 16.44
CA ASP A 236 19.45 -13.63 17.71
C ASP A 236 18.11 -14.37 17.68
N ILE A 237 17.41 -14.28 16.54
CA ILE A 237 16.14 -14.95 16.38
C ILE A 237 16.40 -16.44 16.46
N GLU A 238 17.51 -16.90 15.91
CA GLU A 238 17.88 -18.31 16.01
C GLU A 238 17.93 -18.75 17.47
N GLN A 239 18.64 -18.00 18.31
CA GLN A 239 18.78 -18.35 19.73
C GLN A 239 17.44 -18.31 20.43
N TRP A 240 16.63 -17.29 20.15
CA TRP A 240 15.27 -17.25 20.75
C TRP A 240 14.47 -18.43 20.28
N TYR A 241 14.63 -18.80 19.01
CA TYR A 241 13.92 -19.97 18.48
C TYR A 241 14.27 -21.24 19.24
N VAL A 242 15.56 -21.49 19.41
CA VAL A 242 16.06 -22.68 20.10
C VAL A 242 15.65 -22.72 21.56
N SER A 243 15.85 -21.62 22.27
CA SER A 243 15.36 -21.47 23.65
C SER A 243 13.87 -21.75 23.77
N ARG A 244 13.06 -21.21 22.86
CA ARG A 244 11.62 -21.50 22.88
C ARG A 244 11.31 -22.97 22.70
N PHE A 245 11.97 -23.61 21.74
CA PHE A 245 11.79 -25.03 21.49
C PHE A 245 12.08 -25.86 22.75
N LEU A 246 13.19 -25.58 23.42
CA LEU A 246 13.53 -26.32 24.64
C LEU A 246 12.53 -26.06 25.75
N ALA A 247 12.00 -24.84 25.85
CA ALA A 247 11.02 -24.52 26.91
C ALA A 247 9.68 -25.23 26.67
N MET A 248 9.40 -25.53 25.41
CA MET A 248 8.14 -26.15 25.06
C MET A 248 8.14 -27.63 25.40
N ARG A 249 9.33 -28.15 25.68
CA ARG A 249 9.48 -29.53 26.10
C ARG A 249 8.64 -29.76 27.32
N THR A 250 8.60 -28.74 28.16
CA THR A 250 8.02 -28.86 29.47
C THR A 250 6.70 -28.10 29.59
N THR A 251 6.25 -27.49 28.49
CA THR A 251 4.92 -26.90 28.39
C THR A 251 4.14 -27.62 27.29
N ALA A 252 3.97 -26.98 26.13
CA ALA A 252 3.24 -27.56 24.99
C ALA A 252 3.59 -29.03 24.62
N PHE A 253 4.87 -29.38 24.58
CA PHE A 253 5.25 -30.78 24.25
C PHE A 253 5.01 -31.77 25.39
N ALA A 254 4.93 -31.29 26.65
CA ALA A 254 4.65 -32.15 27.81
C ALA A 254 3.27 -32.83 27.68
N ASP A 255 2.21 -32.01 27.61
CA ASP A 255 0.87 -32.40 27.13
C ASP A 255 0.91 -33.54 26.07
N PRO A 256 0.44 -34.76 26.40
CA PRO A 256 0.19 -35.68 25.25
C PRO A 256 -1.09 -35.21 24.55
N GLU A 257 -1.25 -35.55 23.27
CA GLU A 257 -2.18 -34.84 22.36
C GLU A 257 -1.43 -33.80 21.52
N SER A 258 -0.33 -33.27 22.08
CA SER A 258 0.63 -32.48 21.34
C SER A 258 1.38 -33.42 20.40
N HIS A 259 1.20 -33.27 19.09
CA HIS A 259 1.76 -34.32 18.21
C HIS A 259 3.26 -34.12 17.96
N PHE A 260 3.84 -33.23 18.76
CA PHE A 260 5.29 -33.16 19.00
C PHE A 260 5.68 -33.67 20.40
N HIS A 261 4.83 -34.54 20.94
CA HIS A 261 5.01 -35.11 22.27
C HIS A 261 6.36 -35.78 22.45
N HIS A 262 6.79 -36.55 21.44
CA HIS A 262 8.10 -37.22 21.47
C HIS A 262 9.30 -36.26 21.67
N TYR A 263 9.03 -34.96 21.58
CA TYR A 263 10.04 -33.93 21.84
C TYR A 263 10.20 -33.57 23.33
N ALA A 264 9.21 -33.92 24.15
CA ALA A 264 9.27 -33.65 25.60
C ALA A 264 10.39 -34.43 26.31
N ALA A 265 10.88 -35.47 25.65
CA ALA A 265 11.87 -36.42 26.20
C ALA A 265 13.33 -36.05 25.87
N PHE A 266 13.53 -35.15 24.92
CA PHE A 266 14.87 -34.85 24.45
C PHE A 266 15.64 -34.08 25.51
N SER A 267 16.87 -34.53 25.75
CA SER A 267 17.83 -33.81 26.56
C SER A 267 18.17 -32.50 25.88
N ASP A 268 18.64 -31.55 26.68
CA ASP A 268 19.00 -30.24 26.20
C ASP A 268 19.78 -30.26 24.89
N SER A 269 20.83 -31.07 24.83
CA SER A 269 21.71 -31.07 23.68
C SER A 269 21.04 -31.77 22.49
N GLN A 270 20.17 -32.74 22.76
CA GLN A 270 19.41 -33.41 21.68
C GLN A 270 18.35 -32.46 21.11
N ALA A 271 17.82 -31.60 21.96
CA ALA A 271 16.75 -30.70 21.60
C ALA A 271 17.29 -29.51 20.82
N VAL A 272 18.48 -29.05 21.22
CA VAL A 272 19.21 -28.04 20.51
C VAL A 272 19.51 -28.45 19.06
N VAL A 273 20.08 -29.65 18.90
CA VAL A 273 20.39 -30.20 17.58
C VAL A 273 19.14 -30.22 16.69
N ALA A 274 18.05 -30.75 17.25
CA ALA A 274 16.78 -30.88 16.53
C ALA A 274 16.16 -29.51 16.21
N ALA A 275 16.21 -28.59 17.17
CA ALA A 275 15.68 -27.24 16.97
C ALA A 275 16.50 -26.46 15.94
N ARG A 276 17.81 -26.58 16.03
CA ARG A 276 18.71 -25.96 15.03
C ARG A 276 18.43 -26.42 13.61
N GLU A 277 18.11 -27.69 13.47
CA GLU A 277 17.82 -28.27 12.18
C GLU A 277 16.48 -27.79 11.65
N ILE A 278 15.46 -27.65 12.49
CA ILE A 278 14.23 -27.05 11.97
C ILE A 278 14.49 -25.60 11.59
N TRP A 279 15.28 -24.90 12.39
CA TRP A 279 15.64 -23.55 12.04
C TRP A 279 16.32 -23.47 10.66
N ARG A 280 17.39 -24.26 10.46
CA ARG A 280 18.19 -24.10 9.25
C ARG A 280 17.50 -24.59 8.00
N THR A 281 16.57 -25.51 8.14
CA THR A 281 16.01 -26.05 6.93
C THR A 281 14.65 -25.43 6.58
N ILE A 282 13.93 -24.89 7.57
CA ILE A 282 12.59 -24.37 7.31
C ILE A 282 12.44 -22.90 7.67
N ASN A 283 12.63 -22.56 8.95
CA ASN A 283 12.28 -21.22 9.38
C ASN A 283 13.20 -20.12 8.93
N ARG A 284 14.48 -20.41 8.91
CA ARG A 284 15.45 -19.41 8.50
C ARG A 284 15.33 -19.13 6.98
N PRO A 285 15.23 -20.20 6.15
CA PRO A 285 15.01 -19.90 4.74
C PRO A 285 13.67 -19.21 4.49
N ASN A 286 12.61 -19.58 5.19
CA ASN A 286 11.36 -18.81 5.08
C ASN A 286 11.58 -17.33 5.39
N LEU A 287 12.31 -17.05 6.47
CA LEU A 287 12.62 -15.69 6.80
C LEU A 287 13.45 -14.97 5.69
N VAL A 288 14.52 -15.60 5.22
CA VAL A 288 15.38 -14.98 4.21
C VAL A 288 14.64 -14.76 2.89
N GLU A 289 13.82 -15.73 2.49
CA GLU A 289 13.20 -15.67 1.16
C GLU A 289 11.88 -14.89 1.12
N ASN A 290 11.10 -14.95 2.19
CA ASN A 290 9.69 -14.48 2.10
C ASN A 290 9.27 -13.45 3.12
N ILE A 291 9.93 -13.43 4.27
CA ILE A 291 9.48 -12.55 5.33
C ILE A 291 10.34 -11.30 5.30
N LEU A 292 11.66 -11.50 5.35
CA LEU A 292 12.63 -10.40 5.39
C LEU A 292 12.48 -9.37 4.26
N PRO A 293 12.28 -9.80 3.00
CA PRO A 293 12.02 -8.75 1.94
C PRO A 293 10.76 -7.87 2.16
N THR A 294 9.87 -8.23 3.07
CA THR A 294 8.71 -7.39 3.32
C THR A 294 8.96 -6.29 4.35
N ARG A 295 10.11 -6.35 5.03
CA ARG A 295 10.47 -5.40 6.10
C ARG A 295 10.34 -3.94 5.63
N PRO A 296 10.99 -3.60 4.49
CA PRO A 296 10.90 -2.23 3.99
C PRO A 296 9.48 -1.79 3.65
N ARG A 297 8.51 -2.69 3.67
CA ARG A 297 7.12 -2.32 3.34
C ARG A 297 6.28 -1.84 4.53
N ALA A 298 6.78 -2.05 5.75
CA ALA A 298 6.01 -1.69 6.95
C ALA A 298 6.10 -0.20 7.23
N THR A 299 5.05 0.34 7.85
CA THR A 299 5.07 1.74 8.31
C THR A 299 6.10 1.94 9.43
N LEU A 300 6.25 0.92 10.26
CA LEU A 300 7.11 0.97 11.42
C LEU A 300 7.90 -0.33 11.56
N VAL A 301 9.22 -0.18 11.64
CA VAL A 301 10.14 -1.29 11.89
C VAL A 301 10.80 -1.13 13.26
N LEU A 302 10.54 -2.10 14.13
CA LEU A 302 11.08 -2.14 15.47
C LEU A 302 12.14 -3.20 15.50
N ARG A 303 13.37 -2.80 15.77
CA ARG A 303 14.43 -3.76 15.80
C ARG A 303 14.67 -4.12 17.28
N LYS A 304 14.87 -5.41 17.55
CA LYS A 304 15.13 -5.88 18.91
C LYS A 304 16.59 -6.30 19.04
N ASP A 305 17.13 -6.04 20.23
CA ASP A 305 18.42 -6.55 20.72
C ASP A 305 18.32 -8.00 21.18
N ALA A 306 19.46 -8.65 21.42
CA ALA A 306 19.50 -10.05 21.91
C ALA A 306 18.72 -10.30 23.20
N ASP A 307 18.64 -9.30 24.08
CA ASP A 307 17.86 -9.44 25.31
C ASP A 307 16.42 -9.04 25.12
N HIS A 308 16.00 -8.95 23.86
CA HIS A 308 14.61 -8.65 23.49
C HIS A 308 14.23 -7.19 23.59
N SER A 309 15.16 -6.32 23.98
CA SER A 309 14.77 -4.92 24.17
C SER A 309 14.89 -4.18 22.83
N ILE A 310 13.99 -3.22 22.60
CA ILE A 310 13.99 -2.46 21.35
C ILE A 310 15.16 -1.49 21.26
N ASN A 311 16.00 -1.64 20.23
CA ASN A 311 17.16 -0.77 20.08
C ASN A 311 17.11 0.17 18.86
N ARG A 312 15.95 0.26 18.20
CA ARG A 312 15.83 1.04 16.96
C ARG A 312 14.39 1.01 16.42
N LEU A 313 13.83 2.19 16.21
CA LEU A 313 12.53 2.39 15.61
C LEU A 313 12.71 3.18 14.33
N ARG A 314 12.18 2.62 13.24
CA ARG A 314 12.09 3.36 11.99
C ARG A 314 10.64 3.55 11.64
N LEU A 315 10.25 4.81 11.51
CA LEU A 315 8.86 5.14 11.20
C LEU A 315 8.75 6.02 9.94
N ARG A 316 7.83 5.67 9.05
CA ARG A 316 7.61 6.41 7.80
C ARG A 316 7.42 7.88 8.08
N LYS A 317 8.18 8.71 7.38
CA LYS A 317 7.97 10.15 7.44
C LYS A 317 6.55 10.45 6.97
N LEU A 318 5.89 11.39 7.65
CA LEU A 318 4.50 11.76 7.36
C LEU A 318 4.40 13.00 6.44
N PRO B 13 -19.62 -8.41 -1.16
CA PRO B 13 -19.54 -7.06 -0.61
C PRO B 13 -18.11 -6.46 -0.55
N SER B 14 -18.03 -5.13 -0.64
CA SER B 14 -16.88 -4.47 -1.26
C SER B 14 -16.10 -3.46 -0.41
N PRO B 15 -14.79 -3.30 -0.70
CA PRO B 15 -14.02 -2.25 0.00
C PRO B 15 -14.29 -0.84 -0.55
N TYR B 16 -15.07 -0.76 -1.63
CA TYR B 16 -15.41 0.47 -2.35
C TYR B 16 -16.84 0.95 -2.07
N VAL B 17 -17.01 2.28 -2.08
CA VAL B 17 -18.30 2.92 -2.36
C VAL B 17 -18.50 3.10 -3.89
N GLU B 18 -19.61 2.60 -4.43
CA GLU B 18 -19.91 2.78 -5.84
C GLU B 18 -20.97 3.86 -6.18
N PHE B 19 -20.68 4.71 -7.16
CA PHE B 19 -21.66 5.59 -7.78
C PHE B 19 -21.62 5.47 -9.30
N ASP B 20 -22.79 5.35 -9.93
CA ASP B 20 -22.87 5.65 -11.34
C ASP B 20 -23.00 7.17 -11.51
N ARG B 21 -23.04 7.62 -12.77
CA ARG B 21 -23.11 9.04 -13.09
C ARG B 21 -24.43 9.70 -12.62
N ARG B 22 -25.56 9.00 -12.78
CA ARG B 22 -26.84 9.50 -12.27
C ARG B 22 -26.75 9.72 -10.76
N GLN B 23 -26.40 8.65 -10.03
CA GLN B 23 -26.16 8.72 -8.57
C GLN B 23 -25.23 9.86 -8.16
N TRP B 24 -24.15 10.06 -8.91
CA TRP B 24 -23.15 11.12 -8.63
C TRP B 24 -23.68 12.55 -8.86
N ARG B 25 -24.42 12.74 -9.95
CA ARG B 25 -25.09 14.01 -10.21
C ARG B 25 -26.18 14.23 -9.16
N ALA B 26 -26.96 13.17 -8.87
CA ALA B 26 -27.99 13.19 -7.81
C ALA B 26 -27.52 13.59 -6.39
N LEU B 27 -26.20 13.59 -6.13
CA LEU B 27 -25.71 13.93 -4.78
C LEU B 27 -25.90 15.42 -4.54
N ARG B 28 -25.73 15.85 -3.29
CA ARG B 28 -25.85 17.25 -2.90
C ARG B 28 -24.71 17.56 -1.96
N MET B 29 -23.71 18.28 -2.48
CA MET B 29 -22.39 18.40 -1.86
C MET B 29 -22.20 19.74 -1.18
N SER B 30 -21.15 19.86 -0.37
CA SER B 30 -20.88 21.05 0.46
C SER B 30 -21.32 22.39 -0.15
N THR B 31 -20.63 22.84 -1.22
CA THR B 31 -21.10 23.93 -2.11
C THR B 31 -20.16 24.26 -3.29
N PRO B 32 -19.10 25.06 -3.05
CA PRO B 32 -18.40 25.81 -4.10
C PRO B 32 -17.39 24.94 -4.87
N LEU B 33 -16.18 25.43 -5.21
CA LEU B 33 -15.78 26.85 -5.22
C LEU B 33 -15.97 27.41 -6.63
N ALA B 34 -16.75 26.70 -7.46
CA ALA B 34 -16.99 26.98 -8.89
C ALA B 34 -15.72 27.35 -9.65
N LEU B 35 -15.64 26.99 -10.92
CA LEU B 35 -14.44 27.33 -11.69
C LEU B 35 -14.37 28.83 -12.09
N THR B 36 -13.31 29.49 -11.62
CA THR B 36 -13.08 30.91 -11.91
C THR B 36 -12.84 31.13 -13.40
N GLU B 37 -12.77 32.42 -13.78
CA GLU B 37 -12.74 32.87 -15.19
C GLU B 37 -12.22 31.89 -16.26
N GLU B 38 -10.92 31.59 -16.42
CA GLU B 38 -9.70 31.93 -15.65
C GLU B 38 -8.99 30.60 -15.47
N GLU B 39 -9.56 29.75 -14.62
CA GLU B 39 -9.21 28.34 -14.58
C GLU B 39 -9.73 27.69 -15.86
N LEU B 40 -10.85 28.19 -16.39
CA LEU B 40 -11.43 27.67 -17.63
C LEU B 40 -10.65 28.06 -18.88
N VAL B 41 -9.97 29.19 -18.82
CA VAL B 41 -9.11 29.63 -19.92
C VAL B 41 -7.84 28.79 -19.86
N GLY B 42 -7.37 28.55 -18.64
CA GLY B 42 -6.22 27.70 -18.38
C GLY B 42 -6.51 26.23 -18.60
N LEU B 43 -7.75 25.82 -18.38
CA LEU B 43 -8.15 24.42 -18.56
C LEU B 43 -8.40 24.09 -20.01
N ARG B 44 -8.61 25.15 -20.79
CA ARG B 44 -8.66 25.05 -22.24
C ARG B 44 -7.23 24.80 -22.73
N GLY B 45 -6.24 25.40 -22.05
CA GLY B 45 -4.82 25.24 -22.39
C GLY B 45 -4.29 23.81 -22.46
N LEU B 46 -5.14 22.84 -22.11
CA LEU B 46 -4.84 21.42 -22.30
C LEU B 46 -6.04 20.74 -22.96
N GLY B 47 -6.81 21.55 -23.70
CA GLY B 47 -8.14 21.22 -24.21
C GLY B 47 -8.24 20.37 -25.46
N GLU B 48 -7.52 19.24 -25.44
CA GLU B 48 -7.73 18.14 -26.39
C GLU B 48 -9.20 17.71 -26.29
N GLN B 49 -10.07 18.53 -26.89
CA GLN B 49 -11.51 18.41 -26.73
C GLN B 49 -11.90 18.10 -25.28
N ILE B 50 -11.42 18.91 -24.35
CA ILE B 50 -11.72 18.71 -22.93
C ILE B 50 -13.12 19.21 -22.59
N ASP B 51 -13.88 18.34 -21.95
CA ASP B 51 -15.23 18.65 -21.57
C ASP B 51 -15.19 19.40 -20.22
N LEU B 52 -15.38 20.71 -20.28
CA LEU B 52 -15.29 21.55 -19.09
C LEU B 52 -16.49 21.37 -18.15
N LEU B 53 -17.62 20.95 -18.71
CA LEU B 53 -18.77 20.62 -17.91
C LEU B 53 -18.40 19.47 -16.98
N GLU B 54 -17.74 18.45 -17.54
CA GLU B 54 -17.28 17.29 -16.79
C GLU B 54 -16.19 17.64 -15.80
N VAL B 55 -15.32 18.59 -16.14
CA VAL B 55 -14.33 19.07 -15.16
C VAL B 55 -15.00 19.68 -13.91
N GLU B 56 -16.07 20.43 -14.15
CA GLU B 56 -16.77 21.09 -13.08
C GLU B 56 -17.63 20.14 -12.25
N GLU B 57 -18.27 19.17 -12.91
CA GLU B 57 -19.23 18.29 -12.24
C GLU B 57 -18.65 17.01 -11.64
N VAL B 58 -17.46 16.61 -12.13
CA VAL B 58 -16.82 15.35 -11.72
C VAL B 58 -15.43 15.60 -11.18
N TYR B 59 -14.52 16.14 -11.99
CA TYR B 59 -13.13 16.31 -11.54
C TYR B 59 -12.89 17.27 -10.38
N LEU B 60 -13.64 18.38 -10.35
CA LEU B 60 -13.49 19.32 -9.24
C LEU B 60 -13.99 18.77 -7.87
N PRO B 61 -15.19 18.17 -7.80
CA PRO B 61 -15.50 17.42 -6.57
C PRO B 61 -14.49 16.31 -6.22
N LEU B 62 -14.01 15.58 -7.24
CA LEU B 62 -13.00 14.56 -7.00
C LEU B 62 -11.76 15.19 -6.39
N ALA B 63 -11.42 16.39 -6.83
CA ALA B 63 -10.23 17.04 -6.31
C ALA B 63 -10.43 17.63 -4.91
N ARG B 64 -11.66 18.02 -4.57
CA ARG B 64 -11.92 18.39 -3.18
C ARG B 64 -11.76 17.16 -2.29
N LEU B 65 -12.37 16.07 -2.70
CA LEU B 65 -12.29 14.79 -2.02
C LEU B 65 -10.85 14.34 -1.75
N ILE B 66 -9.92 14.67 -2.65
CA ILE B 66 -8.53 14.34 -2.48
C ILE B 66 -7.87 15.39 -1.62
N HIS B 67 -8.29 16.64 -1.79
CA HIS B 67 -7.90 17.73 -0.88
C HIS B 67 -8.10 17.37 0.58
N LEU B 68 -9.24 16.79 0.90
CA LEU B 68 -9.53 16.41 2.31
C LEU B 68 -8.45 15.47 2.87
N GLN B 69 -8.04 14.49 2.07
CA GLN B 69 -6.96 13.57 2.42
C GLN B 69 -5.61 14.25 2.56
N VAL B 70 -5.31 15.18 1.67
CA VAL B 70 -4.01 15.91 1.74
C VAL B 70 -3.95 16.79 2.98
N ALA B 71 -5.06 17.45 3.28
CA ALA B 71 -5.13 18.37 4.42
C ALA B 71 -5.04 17.55 5.71
N ALA B 72 -5.72 16.41 5.74
CA ALA B 72 -5.69 15.51 6.89
C ALA B 72 -4.30 14.97 7.11
N ARG B 73 -3.60 14.65 6.02
CA ARG B 73 -2.24 14.15 6.12
C ARG B 73 -1.26 15.22 6.60
N GLN B 74 -1.47 16.48 6.21
CA GLN B 74 -0.66 17.60 6.72
C GLN B 74 -0.87 17.85 8.22
N ARG B 75 -2.10 17.74 8.72
CA ARG B 75 -2.40 17.91 10.15
C ARG B 75 -1.85 16.75 11.00
N LEU B 76 -1.92 15.54 10.44
CA LEU B 76 -1.40 14.36 11.08
C LEU B 76 0.11 14.48 11.21
N PHE B 77 0.77 15.03 10.21
CA PHE B 77 2.18 15.30 10.33
C PHE B 77 2.43 16.23 11.50
N ALA B 78 1.64 17.32 11.59
CA ALA B 78 1.90 18.33 12.62
C ALA B 78 1.56 17.80 14.02
N ALA B 79 0.49 17.00 14.10
CA ALA B 79 0.06 16.39 15.35
C ALA B 79 1.06 15.33 15.83
N THR B 80 1.72 14.70 14.87
CA THR B 80 2.75 13.72 15.18
C THR B 80 4.03 14.43 15.61
N ALA B 81 4.41 15.47 14.89
CA ALA B 81 5.61 16.23 15.24
C ALA B 81 5.47 16.84 16.63
N GLU B 82 4.31 17.40 16.91
CA GLU B 82 4.10 18.05 18.20
C GLU B 82 4.27 17.00 19.28
N PHE B 83 3.58 15.87 19.13
CA PHE B 83 3.68 14.80 20.09
C PHE B 83 5.09 14.25 20.33
N LEU B 84 5.92 14.18 19.31
CA LEU B 84 7.28 13.70 19.50
C LEU B 84 8.19 14.80 20.03
N GLY B 85 7.62 15.97 20.28
CA GLY B 85 8.40 17.15 20.65
C GLY B 85 9.36 17.60 19.57
N GLU B 86 8.90 17.61 18.32
CA GLU B 86 9.68 18.12 17.18
C GLU B 86 11.17 17.75 17.25
N PRO B 87 11.49 16.45 17.24
CA PRO B 87 12.90 16.04 17.33
C PRO B 87 13.75 16.46 16.13
N GLN B 88 15.06 16.56 16.35
CA GLN B 88 15.98 17.00 15.33
C GLN B 88 15.91 16.21 14.03
N GLN B 89 15.65 14.91 14.11
CA GLN B 89 15.65 14.06 12.91
C GLN B 89 14.32 14.00 12.15
N ASN B 90 13.21 14.36 12.79
CA ASN B 90 11.93 14.48 12.10
C ASN B 90 11.97 15.64 11.11
N PRO B 91 11.35 15.49 9.93
CA PRO B 91 11.36 16.65 9.00
C PRO B 91 10.52 17.82 9.48
N ASP B 92 10.82 19.00 8.91
CA ASP B 92 10.24 20.28 9.28
C ASP B 92 8.83 20.50 8.77
N ARG B 93 8.43 19.68 7.80
CA ARG B 93 7.19 19.88 7.05
C ARG B 93 6.74 18.52 6.53
N PRO B 94 5.44 18.39 6.21
CA PRO B 94 5.02 17.16 5.54
C PRO B 94 5.89 16.87 4.32
N VAL B 95 6.17 15.59 4.04
CA VAL B 95 6.80 15.21 2.77
C VAL B 95 5.73 15.32 1.69
N PRO B 96 6.14 15.32 0.42
CA PRO B 96 5.17 15.40 -0.66
C PRO B 96 4.11 14.31 -0.59
N PHE B 97 2.84 14.68 -0.73
CA PHE B 97 1.71 13.74 -0.84
C PHE B 97 1.68 13.24 -2.28
N ILE B 98 1.85 11.94 -2.48
CA ILE B 98 2.04 11.39 -3.81
C ILE B 98 0.81 10.66 -4.34
N ILE B 99 0.33 11.08 -5.53
CA ILE B 99 -0.84 10.43 -6.15
C ILE B 99 -0.37 9.67 -7.38
N GLY B 100 -0.72 8.40 -7.45
CA GLY B 100 -0.51 7.66 -8.69
C GLY B 100 -1.75 7.66 -9.55
N VAL B 101 -1.53 7.71 -10.87
CA VAL B 101 -2.58 7.61 -11.89
C VAL B 101 -2.17 6.59 -12.94
N ALA B 102 -3.01 5.55 -13.09
CA ALA B 102 -2.76 4.39 -13.89
C ALA B 102 -3.87 4.18 -14.90
N GLY B 103 -3.63 3.29 -15.87
CA GLY B 103 -4.61 3.00 -16.91
C GLY B 103 -3.91 2.62 -18.21
N SER B 104 -4.71 2.09 -19.14
CA SER B 104 -4.21 1.73 -20.48
C SER B 104 -3.56 2.91 -21.23
N VAL B 105 -2.68 2.60 -22.19
CA VAL B 105 -2.29 3.65 -23.18
C VAL B 105 -3.63 4.13 -23.82
N ALA B 106 -3.78 5.44 -24.03
CA ALA B 106 -4.94 6.01 -24.76
C ALA B 106 -6.26 6.10 -23.97
N VAL B 107 -6.23 5.76 -22.68
CA VAL B 107 -7.41 5.81 -21.85
C VAL B 107 -7.63 7.23 -21.31
N GLY B 108 -6.58 8.02 -21.30
CA GLY B 108 -6.72 9.41 -20.84
C GLY B 108 -6.05 9.74 -19.51
N LYS B 109 -5.04 8.95 -19.13
CA LYS B 109 -4.30 9.18 -17.87
C LYS B 109 -3.71 10.56 -17.88
N SER B 110 -3.10 10.91 -19.01
CA SER B 110 -2.30 12.12 -19.10
C SER B 110 -3.17 13.35 -18.86
N THR B 111 -4.34 13.36 -19.49
CA THR B 111 -5.26 14.47 -19.42
C THR B 111 -5.88 14.53 -18.03
N THR B 112 -6.35 13.38 -17.54
CA THR B 112 -6.86 13.26 -16.18
C THR B 112 -5.84 13.88 -15.19
N ALA B 113 -4.57 13.48 -15.30
CA ALA B 113 -3.55 13.95 -14.37
C ALA B 113 -3.31 15.43 -14.46
N ARG B 114 -3.38 15.96 -15.68
CA ARG B 114 -3.16 17.39 -15.88
C ARG B 114 -4.33 18.22 -15.32
N VAL B 115 -5.56 17.74 -15.53
CA VAL B 115 -6.74 18.34 -14.93
C VAL B 115 -6.62 18.32 -13.39
N LEU B 116 -6.26 17.16 -12.85
CA LEU B 116 -6.03 17.06 -11.42
C LEU B 116 -4.91 17.98 -10.93
N GLN B 117 -3.83 18.09 -11.70
CA GLN B 117 -2.74 18.99 -11.29
C GLN B 117 -3.21 20.43 -11.18
N ALA B 118 -3.97 20.86 -12.18
CA ALA B 118 -4.47 22.24 -12.26
C ALA B 118 -5.47 22.53 -11.16
N LEU B 119 -6.39 21.60 -10.90
CA LEU B 119 -7.41 21.82 -9.87
C LEU B 119 -6.84 21.83 -8.48
N LEU B 120 -5.93 20.89 -8.17
CA LEU B 120 -5.51 20.72 -6.79
C LEU B 120 -4.63 21.87 -6.36
N ALA B 121 -4.04 22.57 -7.32
CA ALA B 121 -3.13 23.71 -6.98
C ALA B 121 -3.90 24.95 -6.52
N ARG B 122 -5.22 24.94 -6.69
CA ARG B 122 -6.07 26.07 -6.33
C ARG B 122 -6.18 26.31 -4.80
N TRP B 123 -6.02 25.26 -3.99
CA TRP B 123 -6.03 25.38 -2.54
C TRP B 123 -4.72 25.97 -2.03
N ASP B 124 -4.79 26.79 -0.98
CA ASP B 124 -3.59 27.38 -0.36
C ASP B 124 -2.80 26.35 0.47
N HIS B 125 -3.47 25.28 0.91
CA HIS B 125 -2.81 24.18 1.65
C HIS B 125 -1.78 23.44 0.79
N HIS B 126 -1.99 23.45 -0.52
CA HIS B 126 -1.02 22.82 -1.41
C HIS B 126 -0.99 23.43 -2.81
N PRO B 127 -0.44 24.66 -2.94
CA PRO B 127 -0.33 25.36 -4.23
C PRO B 127 0.68 24.71 -5.17
N ARG B 128 1.68 24.00 -4.66
CA ARG B 128 2.70 23.42 -5.54
C ARG B 128 2.48 21.94 -5.91
N VAL B 129 1.85 21.71 -7.05
CA VAL B 129 1.53 20.37 -7.52
C VAL B 129 2.36 19.94 -8.75
N ASP B 130 3.11 18.85 -8.64
CA ASP B 130 3.93 18.39 -9.75
C ASP B 130 3.37 17.17 -10.47
N LEU B 131 3.76 17.03 -11.73
CA LEU B 131 3.41 15.86 -12.53
C LEU B 131 4.64 15.25 -13.19
N VAL B 132 4.86 13.96 -12.91
CA VAL B 132 5.93 13.23 -13.56
C VAL B 132 5.33 12.01 -14.24
N THR B 133 5.73 11.73 -15.48
CA THR B 133 5.30 10.48 -16.13
C THR B 133 6.40 9.44 -16.03
N THR B 134 6.02 8.18 -15.85
CA THR B 134 7.00 7.11 -15.74
C THR B 134 7.62 6.74 -17.09
N ASP B 135 7.15 7.39 -18.15
CA ASP B 135 7.72 7.27 -19.49
C ASP B 135 9.21 7.56 -19.44
N GLY B 136 9.57 8.62 -18.71
CA GLY B 136 10.97 8.95 -18.47
C GLY B 136 11.80 7.87 -17.79
N PHE B 137 11.15 6.85 -17.26
CA PHE B 137 11.90 5.76 -16.65
C PHE B 137 12.00 4.52 -17.53
N LEU B 138 11.58 4.63 -18.79
CA LEU B 138 11.87 3.57 -19.77
C LEU B 138 13.35 3.54 -20.07
N TYR B 139 13.90 2.34 -20.24
CA TYR B 139 15.27 2.24 -20.71
C TYR B 139 15.35 2.91 -22.09
N PRO B 140 16.46 3.63 -22.36
CA PRO B 140 16.69 4.11 -23.75
C PRO B 140 16.60 2.96 -24.75
N ASN B 141 16.28 3.27 -26.00
CA ASN B 141 16.22 2.24 -27.07
C ASN B 141 17.45 1.37 -27.21
N ALA B 142 18.61 2.00 -27.15
CA ALA B 142 19.87 1.28 -27.24
C ALA B 142 20.00 0.25 -26.12
N GLU B 143 19.57 0.62 -24.91
CA GLU B 143 19.57 -0.35 -23.80
C GLU B 143 18.53 -1.49 -23.96
N LEU B 144 17.32 -1.15 -24.39
CA LEU B 144 16.27 -2.14 -24.69
C LEU B 144 16.73 -3.12 -25.79
N GLN B 145 17.44 -2.62 -26.81
CA GLN B 145 18.00 -3.51 -27.85
C GLN B 145 19.09 -4.40 -27.25
N ARG B 146 19.98 -3.81 -26.46
CA ARG B 146 21.01 -4.57 -25.79
C ARG B 146 20.35 -5.71 -25.01
N ARG B 147 19.21 -5.44 -24.40
CA ARG B 147 18.51 -6.41 -23.57
C ARG B 147 17.56 -7.28 -24.36
N ASN B 148 17.46 -7.04 -25.66
CA ASN B 148 16.44 -7.68 -26.49
C ASN B 148 14.99 -7.45 -26.03
N LEU B 149 14.70 -6.22 -25.63
CA LEU B 149 13.38 -5.93 -25.08
C LEU B 149 12.56 -4.92 -25.89
N MET B 150 13.04 -4.52 -27.09
CA MET B 150 12.33 -3.54 -27.92
C MET B 150 10.84 -3.86 -28.20
N HIS B 151 10.52 -5.13 -28.44
CA HIS B 151 9.13 -5.56 -28.72
C HIS B 151 8.29 -5.54 -27.47
N ARG B 152 8.94 -5.22 -26.34
CA ARG B 152 8.30 -5.20 -25.04
C ARG B 152 8.25 -3.83 -24.39
N LYS B 153 8.58 -2.81 -25.16
CA LYS B 153 8.49 -1.44 -24.66
C LYS B 153 7.09 -1.11 -24.14
N GLY B 154 7.04 -0.60 -22.92
CA GLY B 154 5.76 -0.38 -22.23
C GLY B 154 5.42 -1.51 -21.28
N PHE B 155 6.09 -2.66 -21.42
CA PHE B 155 5.88 -3.78 -20.50
C PHE B 155 6.75 -3.57 -19.24
N PRO B 156 6.40 -4.26 -18.13
CA PRO B 156 7.01 -3.91 -16.85
C PRO B 156 8.53 -3.88 -16.89
N GLU B 157 9.14 -4.87 -17.54
CA GLU B 157 10.58 -4.98 -17.52
C GLU B 157 11.26 -4.03 -18.52
N SER B 158 10.48 -3.24 -19.26
CA SER B 158 11.06 -2.23 -20.15
C SER B 158 11.44 -0.93 -19.43
N TYR B 159 11.07 -0.80 -18.15
CA TYR B 159 11.42 0.37 -17.32
C TYR B 159 12.59 0.08 -16.41
N ASN B 160 13.38 1.11 -16.11
CA ASN B 160 14.43 1.01 -15.09
C ASN B 160 13.70 1.15 -13.73
N ARG B 161 13.16 0.04 -13.26
CA ARG B 161 12.36 -0.03 -12.03
C ARG B 161 13.16 0.42 -10.82
N ARG B 162 14.46 0.14 -10.84
CA ARG B 162 15.36 0.57 -9.77
C ARG B 162 15.46 2.10 -9.71
N ALA B 163 15.66 2.74 -10.85
CA ALA B 163 15.75 4.21 -10.90
C ALA B 163 14.42 4.85 -10.54
N LEU B 164 13.32 4.28 -11.04
CA LEU B 164 11.98 4.77 -10.68
C LEU B 164 11.82 4.70 -9.18
N MET B 165 12.15 3.54 -8.58
CA MET B 165 12.08 3.39 -7.13
C MET B 165 12.96 4.40 -6.36
N ARG B 166 14.19 4.64 -6.84
CA ARG B 166 15.10 5.60 -6.18
C ARG B 166 14.52 7.01 -6.21
N PHE B 167 13.95 7.37 -7.35
CA PHE B 167 13.40 8.69 -7.56
C PHE B 167 12.22 8.96 -6.62
N VAL B 168 11.21 8.08 -6.65
CA VAL B 168 10.06 8.24 -5.75
C VAL B 168 10.45 8.19 -4.28
N THR B 169 11.40 7.35 -3.94
CA THR B 169 11.86 7.25 -2.56
C THR B 169 12.51 8.58 -2.15
N SER B 170 13.33 9.12 -3.02
CA SER B 170 13.93 10.42 -2.76
C SER B 170 12.87 11.52 -2.56
N VAL B 171 11.79 11.46 -3.34
CA VAL B 171 10.74 12.45 -3.19
C VAL B 171 9.99 12.30 -1.86
N LYS B 172 9.71 11.05 -1.47
CA LYS B 172 9.03 10.72 -0.20
C LYS B 172 9.92 10.84 1.01
N SER B 173 11.22 10.94 0.80
CA SER B 173 12.14 11.29 1.89
C SER B 173 12.13 12.78 2.30
N GLY B 174 11.64 13.65 1.43
CA GLY B 174 11.67 15.08 1.69
C GLY B 174 12.99 15.71 1.27
N SER B 175 13.65 15.13 0.27
CA SER B 175 14.76 15.79 -0.40
C SER B 175 14.32 17.10 -1.03
N ASP B 176 15.24 18.07 -1.09
CA ASP B 176 15.05 19.35 -1.80
C ASP B 176 14.98 19.18 -3.31
N TYR B 177 15.51 18.05 -3.80
CA TYR B 177 15.91 17.93 -5.19
C TYR B 177 15.81 16.46 -5.55
N ALA B 178 15.18 16.15 -6.68
CA ALA B 178 15.05 14.80 -7.22
C ALA B 178 14.81 14.94 -8.70
N CYS B 179 15.61 14.26 -9.51
CA CYS B 179 15.52 14.42 -10.95
C CYS B 179 15.05 13.14 -11.56
N ALA B 180 14.15 13.28 -12.52
CA ALA B 180 13.64 12.19 -13.31
C ALA B 180 14.13 12.42 -14.73
N PRO B 181 14.55 11.35 -15.44
CA PRO B 181 14.84 11.61 -16.86
C PRO B 181 13.57 11.97 -17.61
N VAL B 182 13.71 12.22 -18.92
CA VAL B 182 12.65 12.76 -19.77
C VAL B 182 12.56 11.90 -21.02
N TYR B 183 11.32 11.52 -21.38
CA TYR B 183 11.07 10.72 -22.56
C TYR B 183 10.44 11.57 -23.65
N SER B 184 10.81 11.31 -24.90
CA SER B 184 10.25 12.05 -26.03
C SER B 184 9.39 11.13 -26.89
N HIS B 185 8.10 11.37 -26.94
CA HIS B 185 7.25 10.60 -27.83
C HIS B 185 7.57 10.83 -29.32
N LEU B 186 7.99 12.06 -29.65
CA LEU B 186 8.40 12.42 -31.03
C LEU B 186 9.47 11.47 -31.57
N HIS B 187 10.53 11.32 -30.79
CA HIS B 187 11.71 10.56 -31.18
C HIS B 187 11.66 9.09 -30.71
N TYR B 188 10.64 8.75 -29.93
CA TYR B 188 10.45 7.40 -29.35
C TYR B 188 11.62 6.94 -28.45
N ASP B 189 12.11 7.81 -27.59
CA ASP B 189 13.30 7.50 -26.81
C ASP B 189 13.53 8.53 -25.70
N ILE B 190 14.30 8.14 -24.71
CA ILE B 190 14.83 9.07 -23.74
C ILE B 190 15.70 10.15 -24.40
N ILE B 191 15.47 11.41 -24.03
CA ILE B 191 16.30 12.53 -24.42
C ILE B 191 17.61 12.58 -23.62
N PRO B 192 18.74 12.28 -24.29
CA PRO B 192 20.06 12.22 -23.62
C PRO B 192 20.34 13.52 -22.89
N GLY B 193 20.73 13.41 -21.63
CA GLY B 193 21.03 14.59 -20.80
C GLY B 193 19.86 15.25 -20.10
N ALA B 194 18.65 15.18 -20.67
CA ALA B 194 17.51 15.98 -20.19
C ALA B 194 16.98 15.52 -18.83
N GLU B 195 16.62 16.47 -17.98
CA GLU B 195 16.09 16.14 -16.66
C GLU B 195 14.91 17.02 -16.27
N GLN B 196 13.97 16.44 -15.54
CA GLN B 196 12.95 17.25 -14.88
C GLN B 196 13.30 17.31 -13.39
N VAL B 197 13.48 18.52 -12.87
CA VAL B 197 13.79 18.67 -11.46
C VAL B 197 12.49 18.84 -10.63
N VAL B 198 12.29 17.96 -9.65
CA VAL B 198 11.17 18.06 -8.71
C VAL B 198 11.70 18.53 -7.33
N ARG B 199 11.06 19.55 -6.76
CA ARG B 199 11.62 20.25 -5.62
C ARG B 199 10.63 20.30 -4.46
N HIS B 200 10.50 19.16 -3.78
CA HIS B 200 9.59 19.01 -2.64
C HIS B 200 8.22 19.66 -2.93
N PRO B 201 7.52 19.22 -3.99
CA PRO B 201 6.19 19.82 -4.13
C PRO B 201 5.29 19.43 -2.95
N ASP B 202 4.19 20.15 -2.78
CA ASP B 202 3.14 19.72 -1.85
C ASP B 202 2.52 18.41 -2.33
N ILE B 203 2.28 18.28 -3.62
CA ILE B 203 1.68 17.07 -4.18
C ILE B 203 2.52 16.68 -5.39
N LEU B 204 2.73 15.39 -5.60
CA LEU B 204 3.31 14.91 -6.83
C LEU B 204 2.32 13.95 -7.40
N ILE B 205 1.94 14.18 -8.65
CA ILE B 205 1.16 13.21 -9.36
C ILE B 205 2.16 12.39 -10.17
N LEU B 206 2.08 11.07 -10.04
CA LEU B 206 2.92 10.16 -10.83
C LEU B 206 2.04 9.37 -11.77
N GLU B 207 2.21 9.61 -13.07
CA GLU B 207 1.33 9.02 -14.07
C GLU B 207 2.04 7.96 -14.90
N GLY B 208 1.39 6.83 -15.12
CA GLY B 208 1.96 5.86 -16.04
C GLY B 208 1.29 4.53 -16.06
N LEU B 209 1.57 3.79 -17.14
CA LEU B 209 1.18 2.41 -17.33
C LEU B 209 1.34 1.57 -16.07
N ASN B 210 2.53 1.69 -15.47
CA ASN B 210 3.02 0.75 -14.50
C ASN B 210 2.95 1.20 -13.05
N VAL B 211 2.27 2.30 -12.73
CA VAL B 211 2.43 2.86 -11.37
C VAL B 211 1.85 1.98 -10.24
N LEU B 212 0.92 1.10 -10.59
CA LEU B 212 0.28 0.23 -9.59
C LEU B 212 0.68 -1.20 -9.76
N GLN B 213 1.67 -1.43 -10.62
CA GLN B 213 2.24 -2.75 -10.74
C GLN B 213 2.95 -3.22 -9.46
N THR B 214 2.93 -4.51 -9.29
CA THR B 214 3.28 -5.20 -8.08
C THR B 214 4.66 -5.84 -8.28
N GLY B 215 5.40 -6.07 -7.20
CA GLY B 215 6.72 -6.71 -7.29
C GLY B 215 7.06 -7.33 -5.94
N PRO B 216 8.05 -8.26 -5.92
CA PRO B 216 8.28 -9.10 -4.73
C PRO B 216 8.77 -8.32 -3.53
N THR B 217 9.07 -7.05 -3.76
CA THR B 217 9.81 -6.24 -2.82
C THR B 217 9.00 -4.99 -2.41
N LEU B 218 9.67 -3.99 -1.85
CA LEU B 218 9.10 -2.63 -1.78
C LEU B 218 8.90 -2.10 -3.21
N MET B 219 7.68 -1.66 -3.53
CA MET B 219 7.30 -1.22 -4.88
C MET B 219 6.97 0.28 -4.85
N VAL B 220 6.82 0.94 -6.02
CA VAL B 220 6.61 2.39 -6.00
C VAL B 220 5.28 2.74 -5.35
N SER B 221 4.24 1.92 -5.57
CA SER B 221 2.95 2.22 -5.00
C SER B 221 2.93 2.19 -3.47
N ASP B 222 3.95 1.59 -2.87
CA ASP B 222 4.09 1.59 -1.41
C ASP B 222 4.31 3.01 -0.93
N LEU B 223 4.69 3.89 -1.85
CA LEU B 223 4.97 5.25 -1.44
C LEU B 223 3.85 6.23 -1.84
N PHE B 224 2.73 5.72 -2.33
CA PHE B 224 1.63 6.57 -2.73
C PHE B 224 0.73 6.78 -1.53
N ASP B 225 0.18 7.99 -1.43
CA ASP B 225 -0.90 8.28 -0.50
C ASP B 225 -2.29 8.14 -1.11
N PHE B 226 -2.38 8.17 -2.43
CA PHE B 226 -3.68 8.08 -3.11
C PHE B 226 -3.40 7.56 -4.51
N SER B 227 -4.34 6.81 -5.06
CA SER B 227 -4.14 6.37 -6.42
C SER B 227 -5.43 6.28 -7.20
N LEU B 228 -5.29 6.55 -8.49
CA LEU B 228 -6.38 6.61 -9.42
C LEU B 228 -6.13 5.64 -10.57
N TYR B 229 -7.13 4.89 -10.95
CA TYR B 229 -7.07 4.11 -12.16
C TYR B 229 -8.16 4.61 -13.13
N VAL B 230 -7.75 5.03 -14.32
CA VAL B 230 -8.69 5.43 -15.37
C VAL B 230 -9.02 4.19 -16.22
N ASP B 231 -10.30 3.80 -16.20
CA ASP B 231 -10.77 2.54 -16.76
C ASP B 231 -11.82 2.82 -17.84
N ALA B 232 -12.01 1.84 -18.73
CA ALA B 232 -13.03 1.90 -19.77
C ALA B 232 -13.08 0.52 -20.40
N ARG B 233 -14.18 0.22 -21.10
CA ARG B 233 -14.30 -1.08 -21.81
C ARG B 233 -13.16 -1.19 -22.81
N ILE B 234 -12.63 -2.39 -22.92
CA ILE B 234 -11.45 -2.62 -23.75
C ILE B 234 -11.69 -2.21 -25.23
N GLU B 235 -12.91 -2.44 -25.73
CA GLU B 235 -13.35 -2.03 -27.08
C GLU B 235 -13.21 -0.52 -27.28
N ASP B 236 -13.62 0.25 -26.27
CA ASP B 236 -13.62 1.70 -26.37
C ASP B 236 -12.21 2.30 -26.37
N ILE B 237 -11.29 1.68 -25.62
CA ILE B 237 -9.92 2.17 -25.59
C ILE B 237 -9.33 1.90 -26.99
N GLU B 238 -9.65 0.75 -27.57
CA GLU B 238 -9.16 0.45 -28.92
C GLU B 238 -9.52 1.59 -29.85
N GLN B 239 -10.79 1.99 -29.79
CA GLN B 239 -11.33 3.02 -30.67
C GLN B 239 -10.63 4.35 -30.46
N TRP B 240 -10.38 4.74 -29.22
CA TRP B 240 -9.65 6.00 -28.96
C TRP B 240 -8.18 5.90 -29.38
N TYR B 241 -7.65 4.69 -29.30
CA TYR B 241 -6.26 4.45 -29.63
C TYR B 241 -6.02 4.62 -31.14
N VAL B 242 -6.82 3.91 -31.93
CA VAL B 242 -6.87 4.09 -33.36
C VAL B 242 -7.01 5.58 -33.71
N SER B 243 -8.05 6.23 -33.18
CA SER B 243 -8.36 7.61 -33.52
C SER B 243 -7.19 8.51 -33.23
N ARG B 244 -6.53 8.26 -32.11
CA ARG B 244 -5.35 9.02 -31.78
C ARG B 244 -4.23 8.78 -32.79
N PHE B 245 -4.08 7.52 -33.21
CA PHE B 245 -3.10 7.16 -34.23
C PHE B 245 -3.38 7.91 -35.55
N LEU B 246 -4.60 7.75 -36.10
CA LEU B 246 -5.02 8.53 -37.28
C LEU B 246 -4.69 10.02 -37.15
N ALA B 247 -5.02 10.60 -35.99
CA ALA B 247 -4.82 12.03 -35.74
C ALA B 247 -3.36 12.46 -35.55
N MET B 248 -2.46 11.48 -35.34
CA MET B 248 -1.03 11.78 -35.17
C MET B 248 -0.32 12.01 -36.49
N ARG B 249 -0.93 11.53 -37.58
CA ARG B 249 -0.46 11.80 -38.92
C ARG B 249 -0.32 13.32 -39.12
N THR B 250 -1.36 14.06 -38.73
CA THR B 250 -1.37 15.53 -38.77
C THR B 250 -0.28 16.14 -37.86
N THR B 251 -0.23 15.71 -36.60
CA THR B 251 0.61 16.38 -35.60
C THR B 251 2.01 15.78 -35.47
N ALA B 252 2.15 14.78 -34.60
CA ALA B 252 3.46 14.23 -34.27
C ALA B 252 4.18 13.51 -35.42
N PHE B 253 3.45 12.69 -36.19
CA PHE B 253 4.09 11.90 -37.25
C PHE B 253 4.59 12.74 -38.42
N ALA B 254 3.98 13.91 -38.63
CA ALA B 254 4.27 14.77 -39.79
C ALA B 254 5.66 15.38 -39.70
N ASP B 255 6.01 15.92 -38.54
CA ASP B 255 7.35 16.40 -38.23
C ASP B 255 8.39 15.37 -38.73
N PRO B 256 9.29 15.79 -39.64
CA PRO B 256 10.24 14.86 -40.29
C PRO B 256 11.26 14.22 -39.34
N GLU B 257 11.45 14.82 -38.16
CA GLU B 257 12.33 14.27 -37.15
C GLU B 257 11.62 13.22 -36.27
N SER B 258 10.35 12.95 -36.56
CA SER B 258 9.61 11.90 -35.86
C SER B 258 10.13 10.52 -36.20
N HIS B 259 10.23 9.68 -35.20
CA HIS B 259 10.65 8.30 -35.36
C HIS B 259 9.63 7.52 -36.20
N PHE B 260 8.42 8.03 -36.26
CA PHE B 260 7.38 7.36 -37.02
C PHE B 260 6.91 8.23 -38.18
N HIS B 261 7.84 8.99 -38.75
CA HIS B 261 7.54 9.91 -39.84
C HIS B 261 6.77 9.20 -40.94
N HIS B 262 7.27 8.03 -41.33
CA HIS B 262 6.64 7.23 -42.37
C HIS B 262 5.13 6.97 -42.20
N TYR B 263 4.62 7.03 -40.98
CA TYR B 263 3.19 6.84 -40.72
C TYR B 263 2.32 8.05 -41.14
N ALA B 264 2.96 9.19 -41.40
CA ALA B 264 2.24 10.42 -41.84
C ALA B 264 1.52 10.18 -43.17
N ALA B 265 2.27 9.64 -44.14
CA ALA B 265 1.80 9.46 -45.50
C ALA B 265 0.71 8.39 -45.62
N PHE B 266 0.39 7.72 -44.51
CA PHE B 266 -0.66 6.68 -44.55
C PHE B 266 -2.06 7.28 -44.73
N SER B 267 -2.85 6.64 -45.61
CA SER B 267 -4.25 7.01 -45.79
C SER B 267 -5.02 6.57 -44.56
N ASP B 268 -6.28 6.97 -44.46
CA ASP B 268 -7.11 6.57 -43.31
C ASP B 268 -7.17 5.05 -43.20
N SER B 269 -7.49 4.38 -44.31
CA SER B 269 -7.66 2.94 -44.36
C SER B 269 -6.38 2.19 -43.97
N GLN B 270 -5.24 2.77 -44.32
CA GLN B 270 -3.94 2.15 -44.04
C GLN B 270 -3.51 2.33 -42.58
N ALA B 271 -3.84 3.49 -42.03
CA ALA B 271 -3.57 3.78 -40.65
C ALA B 271 -4.38 2.87 -39.70
N VAL B 272 -5.68 2.72 -39.99
CA VAL B 272 -6.53 1.86 -39.19
C VAL B 272 -5.92 0.47 -39.09
N VAL B 273 -5.64 -0.14 -40.23
CA VAL B 273 -5.03 -1.46 -40.23
C VAL B 273 -3.76 -1.53 -39.37
N ALA B 274 -2.91 -0.51 -39.47
CA ALA B 274 -1.60 -0.54 -38.81
C ALA B 274 -1.77 -0.29 -37.33
N ALA B 275 -2.67 0.64 -36.98
CA ALA B 275 -3.01 0.91 -35.58
C ALA B 275 -3.65 -0.28 -34.90
N ARG B 276 -4.58 -0.93 -35.60
CA ARG B 276 -5.28 -2.12 -35.08
C ARG B 276 -4.30 -3.24 -34.81
N GLU B 277 -3.28 -3.34 -35.65
CA GLU B 277 -2.24 -4.34 -35.47
C GLU B 277 -1.44 -4.11 -34.19
N ILE B 278 -0.93 -2.90 -34.02
CA ILE B 278 -0.12 -2.54 -32.85
C ILE B 278 -0.93 -2.71 -31.57
N TRP B 279 -2.20 -2.32 -31.63
CA TRP B 279 -3.09 -2.54 -30.51
C TRP B 279 -3.19 -4.02 -30.16
N ARG B 280 -3.60 -4.85 -31.14
CA ARG B 280 -3.77 -6.29 -30.95
C ARG B 280 -2.51 -7.05 -30.53
N THR B 281 -1.35 -6.63 -31.01
CA THR B 281 -0.10 -7.35 -30.70
C THR B 281 0.65 -6.80 -29.47
N ILE B 282 0.49 -5.51 -29.16
CA ILE B 282 1.29 -4.94 -28.10
C ILE B 282 0.41 -4.34 -26.99
N ASN B 283 -0.37 -3.33 -27.31
CA ASN B 283 -1.00 -2.54 -26.26
C ASN B 283 -2.19 -3.18 -25.57
N ARG B 284 -2.97 -3.98 -26.29
CA ARG B 284 -4.04 -4.75 -25.66
C ARG B 284 -3.48 -5.88 -24.73
N PRO B 285 -2.49 -6.66 -25.21
CA PRO B 285 -1.89 -7.64 -24.31
C PRO B 285 -1.25 -7.02 -23.08
N ASN B 286 -0.54 -5.91 -23.24
CA ASN B 286 0.05 -5.22 -22.09
C ASN B 286 -1.02 -4.78 -21.11
N LEU B 287 -2.17 -4.35 -21.64
CA LEU B 287 -3.31 -3.95 -20.81
C LEU B 287 -3.86 -5.11 -19.98
N VAL B 288 -4.07 -6.28 -20.62
CA VAL B 288 -4.76 -7.43 -20.03
C VAL B 288 -3.87 -8.16 -19.03
N GLU B 289 -2.61 -8.30 -19.40
CA GLU B 289 -1.60 -9.03 -18.62
C GLU B 289 -1.09 -8.19 -17.45
N ASN B 290 -0.86 -6.90 -17.66
CA ASN B 290 -0.06 -6.11 -16.70
C ASN B 290 -0.74 -4.91 -16.07
N ILE B 291 -1.73 -4.34 -16.74
CA ILE B 291 -2.28 -3.02 -16.34
C ILE B 291 -3.64 -3.20 -15.61
N LEU B 292 -4.49 -4.04 -16.18
CA LEU B 292 -5.79 -4.36 -15.65
C LEU B 292 -5.72 -4.97 -14.26
N PRO B 293 -4.87 -6.00 -14.05
CA PRO B 293 -4.95 -6.61 -12.72
C PRO B 293 -4.58 -5.63 -11.61
N THR B 294 -4.11 -4.45 -11.96
CA THR B 294 -3.79 -3.46 -10.93
C THR B 294 -4.94 -2.53 -10.63
N ARG B 295 -5.93 -2.50 -11.52
CA ARG B 295 -7.13 -1.69 -11.26
C ARG B 295 -7.63 -1.74 -9.79
N PRO B 296 -7.81 -2.95 -9.22
CA PRO B 296 -8.33 -2.99 -7.82
C PRO B 296 -7.35 -2.49 -6.72
N ARG B 297 -6.13 -2.09 -7.07
CA ARG B 297 -5.23 -1.47 -6.10
C ARG B 297 -5.48 0.05 -5.95
N ALA B 298 -6.22 0.64 -6.87
CA ALA B 298 -6.42 2.07 -6.81
C ALA B 298 -7.39 2.51 -5.70
N THR B 299 -7.15 3.67 -5.09
CA THR B 299 -8.06 4.25 -4.12
C THR B 299 -9.36 4.67 -4.83
N LEU B 300 -9.22 5.09 -6.09
CA LEU B 300 -10.34 5.52 -6.91
C LEU B 300 -10.20 4.95 -8.34
N VAL B 301 -11.24 4.26 -8.78
CA VAL B 301 -11.36 3.81 -10.13
C VAL B 301 -12.46 4.64 -10.84
N LEU B 302 -12.08 5.33 -11.91
CA LEU B 302 -13.03 6.04 -12.76
C LEU B 302 -13.17 5.29 -14.05
N ARG B 303 -14.39 4.84 -14.31
CA ARG B 303 -14.72 4.16 -15.55
C ARG B 303 -15.40 5.12 -16.54
N LYS B 304 -14.86 5.23 -17.76
CA LYS B 304 -15.34 6.18 -18.75
C LYS B 304 -16.16 5.47 -19.80
N ASP B 305 -17.17 6.18 -20.28
CA ASP B 305 -18.05 5.78 -21.39
C ASP B 305 -17.34 5.84 -22.73
N ALA B 306 -17.92 5.16 -23.71
CA ALA B 306 -17.50 5.28 -25.13
C ALA B 306 -17.20 6.72 -25.55
N ASP B 307 -18.00 7.66 -25.07
CA ASP B 307 -17.86 9.07 -25.47
C ASP B 307 -16.95 9.88 -24.54
N HIS B 308 -16.17 9.18 -23.73
CA HIS B 308 -15.18 9.76 -22.79
C HIS B 308 -15.79 10.32 -21.51
N SER B 309 -17.07 10.10 -21.28
CA SER B 309 -17.68 10.67 -20.09
C SER B 309 -17.73 9.63 -18.96
N ILE B 310 -17.36 10.06 -17.76
CA ILE B 310 -17.37 9.17 -16.58
C ILE B 310 -18.76 8.63 -16.29
N ASN B 311 -18.87 7.31 -16.22
CA ASN B 311 -20.14 6.62 -15.97
C ASN B 311 -20.15 5.81 -14.65
N ARG B 312 -19.02 5.78 -13.95
CA ARG B 312 -18.84 4.96 -12.71
C ARG B 312 -17.61 5.32 -11.86
N LEU B 313 -17.85 5.65 -10.59
CA LEU B 313 -16.77 5.99 -9.67
C LEU B 313 -16.77 4.99 -8.52
N ARG B 314 -15.58 4.49 -8.19
CA ARG B 314 -15.42 3.60 -7.06
C ARG B 314 -14.37 4.20 -6.16
N LEU B 315 -14.77 4.49 -4.93
CA LEU B 315 -13.88 5.10 -3.96
C LEU B 315 -13.71 4.18 -2.77
N ARG B 316 -12.45 3.94 -2.38
CA ARG B 316 -12.16 3.14 -1.21
C ARG B 316 -12.84 3.73 0.03
N LYS B 317 -13.64 2.90 0.71
CA LYS B 317 -14.25 3.26 2.01
C LYS B 317 -13.21 3.72 3.02
N LEU B 318 -13.51 4.82 3.73
CA LEU B 318 -12.62 5.37 4.74
C LEU B 318 -12.91 4.88 6.18
#